data_8ZM0
#
_entry.id   8ZM0
#
_entity_poly.entity_id   1
_entity_poly.type   'polypeptide(L)'
_entity_poly.pdbx_seq_one_letter_code
;YAWF
;
_entity_poly.pdbx_strand_id   a,b,d,f,g,s,B,N,h,n,t,z,C,I,O,i,o,u,0,D,J,P,j,p,v,1,k,S,T,V,Y,6,7,A,G,M,U,m,9,y,H,5,W,4,X,Z,E,K,Q,c,8,q,w,2,F,L,R,e,l,r,x,3
#
# COMPACT_ATOMS: atom_id res chain seq x y z
N TYR A 1 2.88 9.38 -8.68
CA TYR A 1 4.29 9.71 -8.53
C TYR A 1 5.14 9.08 -9.62
N ALA A 2 5.34 9.81 -10.70
CA ALA A 2 6.20 9.36 -11.78
C ALA A 2 6.98 10.54 -12.31
N TRP A 3 8.30 10.40 -12.40
CA TRP A 3 9.17 11.46 -12.87
C TRP A 3 9.82 11.01 -14.16
N PHE A 4 9.14 11.24 -15.28
CA PHE A 4 9.68 10.82 -16.56
C PHE A 4 9.74 11.95 -17.57
N TYR B 1 -9.87 2.29 -14.32
CA TYR B 1 -8.96 1.40 -15.02
C TYR B 1 -9.45 -0.03 -15.06
N ALA B 2 -10.20 -0.37 -16.10
CA ALA B 2 -10.67 -1.74 -16.29
C ALA B 2 -10.61 -2.06 -17.77
N TRP B 3 -9.98 -3.18 -18.10
CA TRP B 3 -9.82 -3.61 -19.48
C TRP B 3 -10.59 -4.92 -19.66
N PHE B 4 -11.88 -4.79 -19.97
CA PHE B 4 -12.69 -5.99 -20.14
C PHE B 4 -13.41 -6.01 -21.47
N TYR C 1 -2.30 5.55 -13.81
CA TYR C 1 -0.94 5.34 -14.29
C TYR C 1 -0.80 4.08 -15.10
N ALA C 2 -0.99 4.18 -16.42
CA ALA C 2 -0.82 3.06 -17.31
C ALA C 2 -0.17 3.54 -18.58
N TRP C 3 0.91 2.89 -18.99
CA TRP C 3 1.65 3.27 -20.19
C TRP C 3 1.54 2.13 -21.20
N PHE C 4 0.48 2.16 -21.99
CA PHE C 4 0.29 1.10 -22.96
C PHE C 4 0.09 1.62 -24.36
N TYR D 1 -17.24 2.25 -10.64
CA TYR D 1 -16.93 0.89 -11.06
C TYR D 1 -17.62 -0.15 -10.19
N ALA D 2 -18.81 -0.56 -10.61
CA ALA D 2 -19.55 -1.60 -9.90
C ALA D 2 -20.24 -2.47 -10.94
N TRP D 3 -20.04 -3.78 -10.83
CA TRP D 3 -20.61 -4.74 -11.76
C TRP D 3 -21.59 -5.61 -10.99
N PHE D 4 -22.83 -5.16 -10.89
CA PHE D 4 -23.83 -5.92 -10.16
C PHE D 4 -25.07 -6.18 -10.96
N TYR E 1 -0.22 12.74 -9.94
CA TYR E 1 1.16 13.10 -9.69
C TYR E 1 2.09 12.59 -10.78
N ALA E 2 2.32 13.39 -11.80
CA ALA E 2 3.25 13.04 -12.85
C ALA E 2 4.01 14.28 -13.27
N TRP E 3 5.33 14.19 -13.29
CA TRP E 3 6.18 15.31 -13.65
C TRP E 3 6.93 14.96 -14.94
N PHE E 4 6.29 15.24 -16.07
CA PHE E 4 6.91 14.93 -17.34
C PHE E 4 6.99 16.11 -18.27
N TYR F 1 -4.97 9.05 -15.56
CA TYR F 1 -3.58 8.93 -15.99
C TYR F 1 -3.36 7.71 -16.86
N ALA F 2 -3.48 7.90 -18.18
CA ALA F 2 -3.21 6.84 -19.12
C ALA F 2 -2.53 7.43 -20.33
N TRP F 3 -1.40 6.85 -20.72
CA TRP F 3 -0.62 7.33 -21.85
C TRP F 3 -0.62 6.24 -22.92
N PHE F 4 -1.64 6.28 -23.77
CA PHE F 4 -1.74 5.27 -24.82
C PHE F 4 -1.89 5.88 -26.20
N TYR G 1 -18.87 4.23 -2.58
CA TYR G 1 -19.08 2.84 -2.21
C TYR G 1 -19.42 2.68 -0.73
N ALA G 2 -20.70 2.70 -0.42
CA ALA G 2 -21.17 2.49 0.94
C ALA G 2 -22.43 1.65 0.90
N TRP G 3 -22.45 0.57 1.68
CA TRP G 3 -23.59 -0.33 1.71
C TRP G 3 -24.20 -0.28 3.11
N PHE G 4 -25.09 0.67 3.33
CA PHE G 4 -25.71 0.81 4.63
C PHE G 4 -27.22 0.79 4.59
N TYR H 1 -19.36 11.83 0.52
CA TYR H 1 -19.62 10.89 1.59
C TYR H 1 -19.27 11.44 2.96
N ALA H 2 -20.23 12.08 3.61
CA ALA H 2 -20.04 12.60 4.95
C ALA H 2 -21.31 12.37 5.74
N TRP H 3 -21.18 11.76 6.91
CA TRP H 3 -22.32 11.45 7.77
C TRP H 3 -22.18 12.26 9.05
N PHE H 4 -22.69 13.49 9.04
CA PHE H 4 -22.58 14.33 10.20
C PHE H 4 -23.91 14.89 10.65
N TYR I 1 5.91 5.99 -7.39
CA TYR I 1 7.33 6.27 -7.33
C TYR I 1 8.10 5.54 -8.41
N ALA I 2 8.27 6.20 -9.56
CA ALA I 2 9.06 5.64 -10.66
C ALA I 2 9.85 6.77 -11.29
N TRP I 3 11.16 6.56 -11.44
CA TRP I 3 12.04 7.56 -12.01
C TRP I 3 12.60 7.00 -13.32
N PHE I 4 11.87 7.19 -14.41
CA PHE I 4 12.32 6.68 -15.68
C PHE I 4 12.37 7.74 -16.75
N TYR J 1 -7.38 -0.92 -11.90
CA TYR J 1 -6.53 -1.88 -12.60
C TYR J 1 -7.08 -3.29 -12.52
N ALA J 2 -7.89 -3.67 -13.49
CA ALA J 2 -8.43 -5.02 -13.57
C ALA J 2 -8.46 -5.44 -15.03
N TRP J 3 -7.89 -6.59 -15.32
CA TRP J 3 -7.82 -7.12 -16.68
C TRP J 3 -8.65 -8.40 -16.74
N PHE J 4 -9.94 -8.26 -16.99
CA PHE J 4 -10.80 -9.42 -17.04
C PHE J 4 -11.60 -9.49 -18.33
N TYR K 1 0.33 2.05 -11.99
CA TYR K 1 1.65 1.78 -12.53
C TYR K 1 1.70 0.45 -13.27
N ALA K 2 1.44 0.49 -14.57
CA ALA K 2 1.53 -0.70 -15.40
C ALA K 2 2.12 -0.31 -16.74
N TRP K 3 3.15 -1.03 -17.16
CA TRP K 3 3.84 -0.75 -18.41
C TRP K 3 3.63 -1.95 -19.34
N PHE K 4 2.54 -1.93 -20.07
CA PHE K 4 2.26 -3.04 -20.97
C PHE K 4 2.00 -2.59 -22.40
N TYR L 1 -14.53 -0.45 -7.85
CA TYR L 1 -14.29 -1.84 -8.20
C TYR L 1 -14.97 -2.79 -7.23
N ALA L 2 -16.20 -3.18 -7.56
CA ALA L 2 -16.93 -4.15 -6.76
C ALA L 2 -17.70 -5.06 -7.69
N TRP L 3 -17.55 -6.36 -7.51
CA TRP L 3 -18.21 -7.36 -8.35
C TRP L 3 -19.18 -8.14 -7.48
N PHE L 4 -20.39 -7.62 -7.35
CA PHE L 4 -21.37 -8.31 -6.52
C PHE L 4 -22.67 -8.57 -7.24
N TYR M 1 -15.64 2.10 0.12
CA TYR M 1 -15.87 0.74 0.59
C TYR M 1 -16.14 0.68 2.09
N ALA M 2 -17.41 0.77 2.47
CA ALA M 2 -17.81 0.66 3.87
C ALA M 2 -19.10 -0.13 3.93
N TRP M 3 -19.12 -1.15 4.77
CA TRP M 3 -20.29 -2.01 4.93
C TRP M 3 -20.81 -1.84 6.35
N PHE M 4 -21.67 -0.85 6.55
CA PHE M 4 -22.19 -0.61 7.89
C PHE M 4 -23.70 -0.57 7.92
N TYR N 1 -13.06 17.49 0.90
CA TYR N 1 -12.90 17.31 2.33
C TYR N 1 -11.80 18.17 2.91
N ALA N 2 -12.15 19.37 3.35
CA ALA N 2 -11.21 20.27 3.99
C ALA N 2 -11.90 20.97 5.14
N TRP N 3 -11.28 20.92 6.32
CA TRP N 3 -11.85 21.53 7.51
C TRP N 3 -10.93 22.65 7.95
N PHE N 4 -11.14 23.84 7.41
CA PHE N 4 -10.29 24.96 7.76
C PHE N 4 -11.07 26.17 8.22
N TYR O 1 -15.68 9.89 2.77
CA TYR O 1 -15.91 9.02 3.91
C TYR O 1 -15.47 9.64 5.22
N ALA O 2 -16.38 10.35 5.88
CA ALA O 2 -16.10 10.94 7.17
C ALA O 2 -17.33 10.81 8.04
N TRP O 3 -17.16 10.28 9.24
CA TRP O 3 -18.25 10.06 10.17
C TRP O 3 -18.02 10.94 11.39
N PHE O 4 -18.48 12.18 11.32
CA PHE O 4 -18.29 13.09 12.43
C PHE O 4 -19.57 13.73 12.91
N TYR P 1 8.90 2.58 -6.04
CA TYR P 1 10.34 2.80 -6.06
C TYR P 1 11.02 1.98 -7.15
N ALA P 2 11.16 2.55 -8.34
CA ALA P 2 11.86 1.90 -9.43
C ALA P 2 12.65 2.96 -10.18
N TRP P 3 13.93 2.69 -10.38
CA TRP P 3 14.82 3.62 -11.06
C TRP P 3 15.30 2.96 -12.35
N PHE P 4 14.51 3.12 -13.41
CA PHE P 4 14.88 2.51 -14.67
C PHE P 4 14.91 3.50 -15.82
N TYR Q 1 -4.85 -4.07 -9.43
CA TYR Q 1 -4.08 -5.10 -10.10
C TYR Q 1 -4.67 -6.48 -9.91
N ALA Q 2 -5.55 -6.89 -10.82
CA ALA Q 2 -6.14 -8.21 -10.78
C ALA Q 2 -6.26 -8.71 -12.21
N TRP Q 3 -5.75 -9.92 -12.45
CA TRP Q 3 -5.78 -10.52 -13.78
C TRP Q 3 -6.65 -11.76 -13.71
N PHE Q 4 -7.95 -11.59 -13.91
CA PHE Q 4 -8.85 -12.72 -13.85
C PHE Q 4 -9.73 -12.84 -15.08
N TYR R 1 2.95 -1.40 -10.09
CA TYR R 1 4.22 -1.77 -10.68
C TYR R 1 4.18 -3.14 -11.33
N ALA R 2 3.86 -3.17 -12.62
CA ALA R 2 3.85 -4.41 -13.38
C ALA R 2 4.39 -4.12 -14.77
N TRP R 3 5.38 -4.91 -15.20
CA TRP R 3 6.00 -4.74 -16.50
C TRP R 3 5.71 -5.97 -17.33
N PHE R 4 4.57 -5.96 -18.01
CA PHE R 4 4.20 -7.11 -18.83
C PHE R 4 3.89 -6.74 -20.26
N TYR S 1 -11.75 -3.06 -5.06
CA TYR S 1 -11.58 -4.48 -5.32
C TYR S 1 -12.25 -5.34 -4.28
N ALA S 2 -13.50 -5.70 -4.51
CA ALA S 2 -14.23 -6.59 -3.62
C ALA S 2 -15.08 -7.52 -4.45
N TRP S 3 -14.97 -8.82 -4.20
CA TRP S 3 -15.70 -9.84 -4.94
C TRP S 3 -16.65 -10.53 -3.97
N PHE S 4 -17.84 -9.97 -3.80
CA PHE S 4 -18.80 -10.55 -2.89
C PHE S 4 -20.14 -10.81 -3.52
N TYR T 1 -12.37 -0.02 2.82
CA TYR T 1 -12.63 -1.34 3.39
C TYR T 1 -12.81 -1.29 4.89
N ALA T 2 -14.05 -1.12 5.33
CA ALA T 2 -14.38 -1.13 6.75
C ALA T 2 -15.69 -1.86 6.94
N TRP T 3 -15.70 -2.84 7.84
CA TRP T 3 -16.89 -3.63 8.12
C TRP T 3 -17.32 -3.36 9.56
N PHE T 4 -18.13 -2.32 9.73
CA PHE T 4 -18.58 -1.99 11.08
C PHE T 4 -20.08 -1.88 11.18
N TYR U 1 -9.20 15.29 2.49
CA TYR U 1 -8.96 15.18 3.91
C TYR U 1 -7.80 16.04 4.38
N ALA U 2 -8.08 17.27 4.76
CA ALA U 2 -7.07 18.17 5.29
C ALA U 2 -7.68 18.96 6.43
N TRP U 3 -7.01 18.96 7.58
CA TRP U 3 -7.48 19.67 8.76
C TRP U 3 -6.49 20.78 9.08
N PHE U 4 -6.69 21.94 8.46
CA PHE U 4 -5.78 23.05 8.69
C PHE U 4 -6.49 24.30 9.12
N TYR V 1 -11.98 7.91 4.97
CA TYR V 1 -12.19 7.13 6.16
C TYR V 1 -11.65 7.82 7.40
N ALA V 2 -12.50 8.60 8.07
CA ALA V 2 -12.11 9.26 9.31
C ALA V 2 -13.30 9.22 10.25
N TRP V 3 -13.09 8.76 11.47
CA TRP V 3 -14.14 8.65 12.47
C TRP V 3 -13.80 9.59 13.62
N PHE V 4 -14.22 10.84 13.49
CA PHE V 4 -13.93 11.81 14.53
C PHE V 4 -15.16 12.52 15.03
N TYR W 1 11.79 -0.89 -4.65
CA TYR W 1 13.23 -0.73 -4.77
C TYR W 1 13.83 -1.64 -5.83
N ALA W 2 13.91 -1.14 -7.06
CA ALA W 2 14.53 -1.88 -8.14
C ALA W 2 15.32 -0.91 -9.00
N TRP W 3 16.59 -1.24 -9.25
CA TRP W 3 17.46 -0.39 -10.04
C TRP W 3 17.84 -1.15 -11.31
N PHE W 4 17.01 -1.01 -12.33
CA PHE W 4 17.28 -1.72 -13.57
C PHE W 4 17.28 -0.80 -14.77
N TYR X 1 -2.36 -7.18 -6.87
CA TYR X 1 -1.66 -8.27 -7.53
C TYR X 1 -2.29 -9.62 -7.22
N ALA X 2 -3.24 -10.03 -8.05
CA ALA X 2 -3.86 -11.34 -7.90
C ALA X 2 -4.08 -11.93 -9.28
N TRP X 3 -3.63 -13.16 -9.48
CA TRP X 3 -3.75 -13.84 -10.76
C TRP X 3 -4.66 -15.04 -10.58
N PHE X 4 -5.96 -14.82 -10.70
CA PHE X 4 -6.91 -15.91 -10.52
C PHE X 4 -7.85 -16.08 -11.70
N TYR Y 1 5.48 -4.87 -8.13
CA TYR Y 1 6.71 -5.31 -8.76
C TYR Y 1 6.58 -6.72 -9.32
N ALA Y 2 6.19 -6.83 -10.58
CA ALA Y 2 6.10 -8.11 -11.26
C ALA Y 2 6.57 -7.92 -12.69
N TRP Y 3 7.50 -8.78 -13.12
CA TRP Y 3 8.06 -8.71 -14.46
C TRP Y 3 7.67 -9.98 -15.20
N PHE Y 4 6.50 -9.96 -15.81
CA PHE Y 4 6.05 -11.15 -16.54
C PHE Y 4 5.67 -10.86 -17.97
N TYR Z 1 -8.97 -5.63 -2.23
CA TYR Z 1 -8.86 -7.07 -2.41
C TYR Z 1 -9.50 -7.85 -1.27
N ALA Z 2 -10.78 -8.17 -1.41
CA ALA Z 2 -11.49 -8.96 -0.43
C ALA Z 2 -12.42 -9.91 -1.16
N TRP Z 3 -12.33 -11.19 -0.83
CA TRP Z 3 -13.15 -12.22 -1.46
C TRP Z 3 -14.06 -12.82 -0.40
N PHE Z 4 -15.22 -12.20 -0.22
CA PHE Z 4 -16.15 -12.68 0.78
C PHE Z 4 -17.53 -12.92 0.24
N TYR AA 1 -3.37 16.05 -11.14
CA TYR AA 1 -2.01 16.44 -10.80
C TYR AA 1 -1.00 16.02 -11.85
N ALA AA 2 -0.75 16.90 -12.81
CA ALA AA 2 0.25 16.64 -13.84
C ALA AA 2 0.97 17.94 -14.13
N TRP AA 3 2.30 17.89 -14.09
CA TRP AA 3 3.12 19.07 -14.33
C TRP AA 3 3.94 18.82 -15.60
N PHE AA 4 3.36 19.16 -16.74
CA PHE AA 4 4.05 18.94 -18.00
C PHE AA 4 4.13 20.18 -18.85
N TYR BA 1 1.35 -8.12 13.06
CA TYR BA 1 1.07 -9.21 13.98
C TYR BA 1 1.24 -8.79 15.43
N ALA BA 2 0.15 -8.32 16.04
CA ALA BA 2 0.16 -7.95 17.44
C ALA BA 2 -1.16 -8.38 18.06
N TRP BA 3 -1.09 -9.10 19.16
CA TRP BA 3 -2.27 -9.59 19.86
C TRP BA 3 -2.34 -8.94 21.23
N PHE BA 4 -2.94 -7.76 21.29
CA PHE BA 4 -3.03 -7.06 22.55
C PHE BA 4 -4.45 -6.67 22.90
N TYR CA 1 6.23 5.91 8.20
CA TYR CA 1 6.77 6.09 9.54
C TYR CA 1 8.11 6.82 9.54
N ALA CA 2 8.07 8.14 9.64
CA ALA CA 2 9.28 8.93 9.72
C ALA CA 2 9.04 10.06 10.70
N TRP CA 3 9.95 10.20 11.67
CA TRP CA 3 9.85 11.22 12.69
C TRP CA 3 11.01 12.19 12.52
N PHE CA 4 10.83 13.20 11.68
CA PHE CA 4 11.90 14.15 11.45
C PHE CA 4 11.46 15.58 11.66
N TYR DA 1 3.19 -0.10 12.97
CA TYR DA 1 3.17 -0.55 14.35
C TYR DA 1 4.05 0.29 15.25
N ALA DA 2 3.49 1.34 15.83
CA ALA DA 2 4.20 2.19 16.77
C ALA DA 2 3.26 2.57 17.89
N TRP DA 3 3.70 2.36 19.13
CA TRP DA 3 2.89 2.67 20.30
C TRP DA 3 3.58 3.78 21.08
N PHE DA 4 3.30 5.02 20.72
CA PHE DA 4 3.94 6.13 21.41
C PHE DA 4 2.95 7.13 21.92
N TYR EA 1 7.79 7.90 0.36
CA TYR EA 1 8.90 8.36 1.18
C TYR EA 1 10.19 8.45 0.40
N ALA EA 2 10.46 9.61 -0.19
CA ALA EA 2 11.70 9.84 -0.90
C ALA EA 2 12.16 11.26 -0.62
N TRP EA 3 13.41 11.40 -0.21
CA TRP EA 3 13.98 12.70 0.12
C TRP EA 3 15.10 12.99 -0.87
N PHE EA 4 14.74 13.57 -2.00
CA PHE EA 4 15.74 13.88 -3.00
C PHE EA 4 15.73 15.32 -3.44
N TYR FA 1 7.96 -18.92 3.82
CA TYR FA 1 8.35 -20.25 3.35
C TYR FA 1 7.65 -21.35 4.11
N ALA FA 2 6.49 -21.77 3.61
CA ALA FA 2 5.75 -22.88 4.21
C ALA FA 2 5.16 -23.72 3.09
N TRP FA 3 5.39 -25.02 3.14
CA TRP FA 3 4.91 -25.94 2.13
C TRP FA 3 3.92 -26.89 2.78
N PHE FA 4 2.66 -26.49 2.84
CA PHE FA 4 1.66 -27.32 3.47
C PHE FA 4 0.47 -27.58 2.57
N TYR GA 1 2.81 -15.24 9.08
CA TYR GA 1 2.69 -16.68 9.25
C TYR GA 1 2.24 -17.05 10.65
N ALA GA 2 0.92 -17.16 10.83
CA ALA GA 2 0.37 -17.58 12.11
C ALA GA 2 -0.82 -18.49 11.83
N TRP GA 3 -0.82 -19.67 12.46
CA TRP GA 3 -1.87 -20.65 12.28
C TRP GA 3 -2.60 -20.82 13.61
N PHE GA 4 -3.59 -19.97 13.84
CA PHE GA 4 -4.33 -20.06 15.10
C PHE GA 4 -5.82 -20.17 14.90
N TYR HA 1 -2.17 -6.12 10.58
CA TYR HA 1 -2.46 -7.28 11.42
C TYR HA 1 -2.39 -6.94 12.90
N ALA HA 2 -3.51 -6.55 13.49
CA ALA HA 2 -3.59 -6.28 14.91
C ALA HA 2 -4.92 -6.78 15.42
N TRP HA 3 -4.88 -7.58 16.48
CA TRP HA 3 -6.08 -8.16 17.08
C TRP HA 3 -6.24 -7.59 18.49
N PHE HA 4 -6.89 -6.44 18.58
CA PHE HA 4 -7.07 -5.82 19.87
C PHE HA 4 -8.52 -5.49 20.17
N TYR IA 1 2.39 8.35 6.85
CA TYR IA 1 2.86 8.47 8.22
C TYR IA 1 4.16 9.23 8.33
N ALA IA 2 4.06 10.54 8.52
CA ALA IA 2 5.23 11.38 8.70
C ALA IA 2 4.90 12.43 9.75
N TRP IA 3 5.76 12.54 10.76
CA TRP IA 3 5.56 13.50 11.84
C TRP IA 3 6.69 14.52 11.79
N PHE IA 4 6.51 15.57 11.01
CA PHE IA 4 7.55 16.57 10.89
C PHE IA 4 7.04 17.97 11.16
N TYR JA 1 -0.65 1.95 11.08
CA TYR JA 1 -0.73 1.41 12.43
C TYR JA 1 0.08 2.23 13.42
N ALA JA 2 -0.57 3.21 14.04
CA ALA JA 2 0.08 4.03 15.05
C ALA JA 2 -0.94 4.31 16.15
N TRP JA 3 -0.56 4.04 17.40
CA TRP JA 3 -1.44 4.25 18.53
C TRP JA 3 -0.83 5.32 19.42
N PHE JA 4 -1.14 6.57 19.11
CA PHE JA 4 -0.58 7.67 19.90
C PHE JA 4 -1.64 8.60 20.43
N TYR KA 1 4.26 10.88 -0.76
CA TYR KA 1 5.31 11.32 0.14
C TYR KA 1 6.65 11.50 -0.57
N ALA KA 2 6.88 12.72 -1.06
CA ALA KA 2 8.15 13.04 -1.70
C ALA KA 2 8.55 14.45 -1.30
N TRP KA 3 9.77 14.61 -0.82
CA TRP KA 3 10.27 15.91 -0.37
C TRP KA 3 11.43 16.31 -1.28
N PHE KA 4 11.10 16.95 -2.40
CA PHE KA 4 12.15 17.34 -3.33
C PHE KA 4 12.09 18.81 -3.67
N TYR LA 1 5.33 -16.08 1.09
CA TYR LA 1 5.78 -17.36 0.56
C TYR LA 1 5.09 -18.53 1.21
N ALA LA 2 3.99 -18.97 0.62
CA ALA LA 2 3.26 -20.14 1.10
C ALA LA 2 2.76 -20.92 -0.08
N TRP LA 3 3.05 -22.22 -0.11
CA TRP LA 3 2.65 -23.09 -1.20
C TRP LA 3 1.66 -24.12 -0.64
N PHE LA 4 0.39 -23.75 -0.64
CA PHE LA 4 -0.62 -24.66 -0.11
C PHE LA 4 -1.75 -24.91 -1.08
N TYR MA 1 13.03 -15.05 -1.71
CA TYR MA 1 14.08 -15.76 -2.42
C TYR MA 1 13.73 -17.21 -2.68
N ALA MA 2 13.12 -17.47 -3.83
CA ALA MA 2 12.79 -18.83 -4.22
C ALA MA 2 13.03 -18.97 -5.72
N TRP MA 3 13.78 -19.99 -6.10
CA TRP MA 3 14.12 -20.24 -7.50
C TRP MA 3 13.49 -21.55 -7.91
N PHE MA 4 12.24 -21.50 -8.35
CA PHE MA 4 11.56 -22.71 -8.75
C PHE MA 4 10.97 -22.63 -10.15
N TYR NA 1 -0.23 -12.92 6.27
CA TYR NA 1 -0.30 -14.37 6.35
C TYR NA 1 -0.82 -14.84 7.70
N ALA NA 2 -2.12 -15.02 7.80
CA ALA NA 2 -2.73 -15.54 9.02
C ALA NA 2 -3.86 -16.47 8.63
N TRP NA 3 -3.85 -17.68 9.18
CA TRP NA 3 -4.86 -18.69 8.89
C TRP NA 3 -5.64 -18.97 10.16
N PHE NA 4 -6.68 -18.18 10.40
CA PHE NA 4 -7.47 -18.37 11.59
C PHE NA 4 -8.94 -18.52 11.31
N TYR OA 1 10.05 3.41 9.48
CA TYR OA 1 10.66 3.65 10.78
C TYR OA 1 12.01 4.32 10.66
N ALA OA 2 12.04 5.65 10.69
CA ALA OA 2 13.27 6.40 10.65
C ALA OA 2 13.14 7.59 11.58
N TRP OA 3 14.10 7.76 12.48
CA TRP OA 3 14.09 8.84 13.44
C TRP OA 3 15.28 9.75 13.16
N PHE OA 4 15.08 10.71 12.26
CA PHE OA 4 16.17 11.60 11.91
C PHE OA 4 15.79 13.06 12.06
N TYR PA 1 7.05 -2.17 14.77
CA TYR PA 1 7.09 -2.54 16.18
C TYR PA 1 8.05 -1.68 16.97
N ALA PA 2 7.55 -0.58 17.52
CA ALA PA 2 8.35 0.30 18.36
C ALA PA 2 7.48 0.79 19.51
N TRP PA 3 7.98 0.64 20.73
CA TRP PA 3 7.24 1.05 21.92
C TRP PA 3 8.02 2.17 22.59
N PHE PA 4 7.78 3.39 22.17
CA PHE PA 4 8.49 4.52 22.75
C PHE PA 4 7.56 5.60 23.26
N TYR QA 1 11.25 4.86 1.47
CA TYR QA 1 12.41 5.32 2.20
C TYR QA 1 13.67 5.31 1.35
N ALA QA 2 13.94 6.43 0.67
CA ALA QA 2 15.14 6.57 -0.12
C ALA QA 2 15.68 7.98 0.05
N TRP QA 3 16.95 8.10 0.39
CA TRP QA 3 17.59 9.39 0.61
C TRP QA 3 18.66 9.58 -0.46
N PHE QA 4 18.26 10.11 -1.60
CA PHE QA 4 19.22 10.30 -2.67
C PHE QA 4 19.23 11.72 -3.20
N TYR RA 1 13.84 0.85 10.70
CA TYR RA 1 14.53 1.14 11.94
C TYR RA 1 15.90 1.75 11.72
N ALA RA 2 15.96 3.07 11.66
CA ALA RA 2 17.23 3.77 11.51
C ALA RA 2 17.18 5.03 12.37
N TRP RA 3 18.20 5.20 13.20
CA TRP RA 3 18.28 6.35 14.10
C TRP RA 3 19.48 7.19 13.70
N PHE RA 4 19.28 8.09 12.76
CA PHE RA 4 20.37 8.93 12.30
C PHE RA 4 20.06 10.40 12.37
N TYR SA 1 14.66 1.76 2.56
CA TYR SA 1 15.88 2.23 3.20
C TYR SA 1 17.08 2.11 2.29
N ALA SA 2 17.36 3.17 1.54
CA ALA SA 2 18.53 3.21 0.67
C ALA SA 2 19.11 4.61 0.72
N TRP SA 3 20.41 4.69 0.99
CA TRP SA 3 21.10 5.98 1.10
C TRP SA 3 22.13 6.06 -0.03
N PHE SA 4 21.68 6.53 -1.19
CA PHE SA 4 22.60 6.62 -2.32
C PHE SA 4 22.63 8.01 -2.93
N TYR TA 1 17.97 -1.40 3.69
CA TYR TA 1 19.24 -0.95 4.24
C TYR TA 1 20.39 -1.16 3.27
N ALA TA 2 20.66 -0.17 2.44
CA ALA TA 2 21.78 -0.22 1.52
C ALA TA 2 22.42 1.16 1.45
N TRP TA 3 23.74 1.20 1.65
CA TRP TA 3 24.48 2.45 1.63
C TRP TA 3 25.43 2.42 0.45
N PHE TA 4 24.95 2.84 -0.71
CA PHE TA 4 25.79 2.83 -1.90
C PHE TA 4 25.85 4.17 -2.59
N TYR UA 1 -5.63 -4.13 8.06
CA TYR UA 1 -5.91 -5.35 8.81
C TYR UA 1 -5.93 -5.10 10.31
N ALA UA 2 -7.10 -4.78 10.84
CA ALA UA 2 -7.26 -4.60 12.27
C ALA UA 2 -8.60 -5.18 12.68
N TRP UA 3 -8.58 -6.04 13.70
CA TRP UA 3 -9.78 -6.70 14.19
C TRP UA 3 -10.03 -6.23 15.62
N PHE UA 4 -10.74 -5.11 15.75
CA PHE UA 4 -11.01 -4.58 17.07
C PHE UA 4 -12.49 -4.33 17.31
N TYR VA 1 -1.44 10.71 5.46
CA TYR VA 1 -1.07 10.75 6.87
C TYR VA 1 0.20 11.56 7.09
N ALA VA 2 0.04 12.85 7.35
CA ALA VA 2 1.17 13.72 7.66
C ALA VA 2 0.75 14.69 8.74
N TRP VA 3 1.54 14.77 9.80
CA TRP VA 3 1.25 15.65 10.93
C TRP VA 3 2.34 16.71 11.00
N PHE VA 4 2.16 17.79 10.26
CA PHE VA 4 3.16 18.84 10.27
C PHE VA 4 2.59 20.20 10.60
N TYR WA 1 -4.45 3.95 9.12
CA TYR WA 1 -4.58 3.33 10.43
C TYR WA 1 -3.87 4.11 11.52
N ALA WA 2 -4.58 5.03 12.15
CA ALA WA 2 -4.02 5.80 13.26
C ALA WA 2 -5.09 5.98 14.31
N TRP WA 3 -4.78 5.64 15.54
CA TRP WA 3 -5.71 5.74 16.65
C TRP WA 3 -5.20 6.78 17.64
N PHE WA 4 -5.54 8.03 17.39
CA PHE WA 4 -5.07 9.10 18.27
C PHE WA 4 -6.19 9.96 18.79
N TYR XA 1 0.72 13.77 -1.86
CA TYR XA 1 1.70 14.21 -0.88
C TYR XA 1 3.05 14.48 -1.50
N ALA XA 2 3.28 15.72 -1.91
CA ALA XA 2 4.56 16.13 -2.45
C ALA XA 2 4.87 17.53 -1.95
N TRP XA 3 6.07 17.70 -1.39
CA TRP XA 3 6.50 18.98 -0.85
C TRP XA 3 7.67 19.48 -1.66
N PHE XA 4 7.39 20.18 -2.75
CA PHE XA 4 8.46 20.67 -3.60
C PHE XA 4 8.37 22.16 -3.86
N TYR YA 1 17.46 -7.88 -1.62
CA TYR YA 1 18.88 -7.85 -1.90
C TYR YA 1 19.29 -8.93 -2.89
N ALA YA 2 19.27 -8.59 -4.18
CA ALA YA 2 19.72 -9.50 -5.22
C ALA YA 2 20.48 -8.71 -6.26
N TRP YA 3 21.68 -9.17 -6.59
CA TRP YA 3 22.53 -8.50 -7.57
C TRP YA 3 22.71 -9.42 -8.76
N PHE YA 4 21.78 -9.35 -9.71
CA PHE YA 4 21.87 -10.22 -10.87
C PHE YA 4 21.80 -9.45 -12.17
N TYR ZA 1 2.75 -13.19 -1.60
CA TYR ZA 1 3.29 -14.41 -2.19
C TYR ZA 1 2.60 -15.65 -1.64
N ALA ZA 2 1.55 -16.09 -2.32
CA ALA ZA 2 0.84 -17.31 -1.94
C ALA ZA 2 0.43 -18.04 -3.21
N TRP ZA 3 0.78 -19.32 -3.29
CA TRP ZA 3 0.46 -20.13 -4.45
C TRP ZA 3 -0.51 -21.23 -4.02
N PHE ZA 4 -1.79 -20.91 -4.06
CA PHE ZA 4 -2.78 -21.90 -3.64
C PHE ZA 4 -3.85 -22.11 -4.69
N TYR AB 1 10.54 -11.70 -3.91
CA TYR AB 1 11.66 -12.33 -4.61
C TYR AB 1 11.37 -13.78 -4.97
N ALA AB 2 10.84 -13.99 -6.16
CA ALA AB 2 10.58 -15.33 -6.67
C ALA AB 2 10.91 -15.36 -8.14
N TRP AB 3 11.71 -16.33 -8.55
CA TRP AB 3 12.13 -16.47 -9.94
C TRP AB 3 11.58 -17.79 -10.47
N PHE AB 4 10.35 -17.74 -10.97
CA PHE AB 4 9.74 -18.96 -11.48
C PHE AB 4 9.23 -18.81 -12.89
N TYR BB 1 -3.20 -10.56 3.45
CA TYR BB 1 -3.21 -12.02 3.44
C TYR BB 1 -3.78 -12.59 4.72
N ALA BB 2 -5.08 -12.82 4.74
CA ALA BB 2 -5.73 -13.43 5.89
C ALA BB 2 -6.80 -14.39 5.39
N TRP BB 3 -6.77 -15.63 5.86
CA TRP BB 3 -7.71 -16.64 5.45
C TRP BB 3 -8.56 -17.04 6.67
N PHE BB 4 -9.63 -16.30 6.89
CA PHE BB 4 -10.49 -16.59 8.03
C PHE BB 4 -11.93 -16.78 7.66
N TYR CB 1 -9.04 -2.10 5.47
CA TYR CB 1 -9.31 -3.37 6.13
C TYR CB 1 -9.41 -3.22 7.63
N ALA CB 2 -10.62 -2.98 8.13
CA ALA CB 2 -10.87 -2.90 9.56
C ALA CB 2 -12.20 -3.56 9.86
N TRP CB 3 -12.20 -4.48 10.82
CA TRP CB 3 -13.39 -5.21 11.20
C TRP CB 3 -13.74 -4.84 12.64
N PHE CB 4 -14.50 -3.76 12.80
CA PHE CB 4 -14.86 -3.32 14.13
C PHE CB 4 -16.35 -3.15 14.31
N TYR DB 1 -5.33 13.02 4.03
CA TYR DB 1 -5.02 12.98 5.44
C TYR DB 1 -3.80 13.83 5.79
N ALA DB 2 -4.03 15.09 6.11
CA ALA DB 2 -2.96 15.97 6.54
C ALA DB 2 -3.47 16.85 7.66
N TRP DB 3 -2.74 16.90 8.76
CA TRP DB 3 -3.12 17.70 9.92
C TRP DB 3 -2.08 18.78 10.12
N PHE DB 4 -2.27 19.91 9.44
CA PHE DB 4 -1.31 20.98 9.56
C PHE DB 4 -1.96 22.30 9.94
N TYR EB 1 -8.25 5.93 7.09
CA TYR EB 1 -8.41 5.22 8.35
C TYR EB 1 -7.78 5.96 9.51
N ALA EB 2 -8.57 6.81 10.17
CA ALA EB 2 -8.10 7.52 11.35
C ALA EB 2 -9.25 7.60 12.35
N TRP EB 3 -8.97 7.20 13.59
CA TRP EB 3 -9.97 7.18 14.64
C TRP EB 3 -9.54 8.18 15.71
N PHE EB 4 -9.92 9.43 15.52
CA PHE EB 4 -9.54 10.45 16.49
C PHE EB 4 -10.72 11.25 17.01
N TYR FB 1 -2.91 16.61 -2.97
CA TYR FB 1 -2.00 17.02 -1.91
C TYR FB 1 -0.63 17.39 -2.43
N ALA FB 2 -0.43 18.66 -2.76
CA ALA FB 2 0.86 19.15 -3.21
C ALA FB 2 1.09 20.52 -2.60
N TRP FB 3 2.23 20.70 -1.97
CA TRP FB 3 2.58 21.97 -1.32
C TRP FB 3 3.79 22.55 -2.04
N PHE FB 4 3.53 23.30 -3.10
CA PHE FB 4 4.62 23.89 -3.86
C PHE FB 4 4.49 25.38 -4.03
N TYR GB 1 14.65 -4.37 -3.16
CA TYR GB 1 16.09 -4.28 -3.35
C TYR GB 1 16.59 -5.27 -4.39
N ALA GB 2 16.63 -4.85 -5.64
CA ALA GB 2 17.16 -5.68 -6.71
C ALA GB 2 17.94 -4.80 -7.67
N TRP GB 3 19.17 -5.18 -7.96
CA TRP GB 3 20.04 -4.43 -8.84
C TRP GB 3 20.32 -5.27 -10.08
N PHE GB 4 19.44 -5.17 -11.06
CA PHE GB 4 19.62 -5.95 -12.27
C PHE GB 4 19.60 -5.11 -13.53
N TYR HB 1 0.19 -10.22 -4.26
CA TYR HB 1 0.80 -11.38 -4.88
C TYR HB 1 0.14 -12.68 -4.46
N ALA HB 2 -0.86 -13.11 -5.21
CA ALA HB 2 -1.53 -14.37 -4.95
C ALA HB 2 -1.85 -15.03 -6.29
N TRP HB 3 -1.45 -16.29 -6.42
CA TRP HB 3 -1.67 -17.04 -7.65
C TRP HB 3 -2.61 -18.20 -7.35
N PHE HB 4 -3.90 -17.93 -7.43
CA PHE HB 4 -4.87 -18.97 -7.13
C PHE HB 4 -5.88 -19.17 -8.25
N TYR IB 1 8.02 -8.31 -6.05
CA TYR IB 1 9.19 -8.84 -6.72
C TYR IB 1 8.99 -10.27 -7.19
N ALA IB 2 8.52 -10.42 -8.41
CA ALA IB 2 8.35 -11.74 -9.01
C ALA IB 2 8.75 -11.67 -10.46
N TRP IB 3 9.63 -12.58 -10.89
CA TRP IB 3 10.11 -12.61 -12.26
C TRP IB 3 9.64 -13.90 -12.90
N PHE IB 4 8.44 -13.89 -13.45
CA PHE IB 4 7.91 -15.09 -14.07
C PHE IB 4 7.46 -14.86 -15.50
N TYR JB 1 -6.11 -8.14 0.61
CA TYR JB 1 -6.07 -9.59 0.51
C TYR JB 1 -6.67 -10.26 1.72
N ALA JB 2 -7.96 -10.54 1.67
CA ALA JB 2 -8.65 -11.25 2.74
C ALA JB 2 -9.66 -12.21 2.11
N TRP JB 3 -9.60 -13.47 2.51
CA TRP JB 3 -10.48 -14.50 1.99
C TRP JB 3 -11.37 -14.99 3.13
N PHE JB 4 -12.49 -14.31 3.34
CA PHE JB 4 -13.37 -14.71 4.42
C PHE JB 4 -14.79 -14.93 3.95
#